data_1F4G
#
_entry.id   1F4G
#
_cell.length_a   126.030
_cell.length_b   126.030
_cell.length_c   66.840
_cell.angle_alpha   90.00
_cell.angle_beta   90.00
_cell.angle_gamma   120.00
#
_symmetry.space_group_name_H-M   'P 63'
#
loop_
_entity.id
_entity.type
_entity.pdbx_description
1 polymer 'THYMIDYLATE SYNTHASE'
2 non-polymer 'SULFATE ION'
3 non-polymer 'N-[4-[[GLUTAMIC ACID]-CARBONYL]-BENZENE-SULFONYL-D-PROLINYL]-3-AMINO-PROPANOIC ACID'
4 non-polymer GLYCEROL
5 water water
#
_entity_poly.entity_id   1
_entity_poly.type   'polypeptide(L)'
_entity_poly.pdbx_seq_one_letter_code
;(CXM)KQYLELMQKVLDEGTQKNDRTGTGTLSIFGHQMRFNLQDGFPLVTTKRCHLRSIIHELLWFLQGDTNIAYLHENN
VTIWDEWADENGDLGPVYGKQWRAWPTPDGRHIDQITTVLNQLKNDPDSRRIIVSAWNVGELDKMALAPCHAFFQFYVAD
GKLSCQLYQRSCDVFLGLPFNIASYALLVHM(MHO)AQQCDLEVGDFVWTGGDTHLYSNHMDQTHLQLSREPRPLPKLII
KRKPESIFDYRFEDFEIEGYDPHPGIKAPVAI
;
_entity_poly.pdbx_strand_id   A,B
#
# COMPACT_ATOMS: atom_id res chain seq x y z
N LYS A 2 -12.14 7.10 -18.01
CA LYS A 2 -12.92 7.89 -17.06
C LYS A 2 -12.21 8.02 -15.72
N GLN A 3 -11.80 6.88 -15.13
CA GLN A 3 -11.16 6.90 -13.82
C GLN A 3 -9.90 7.79 -13.84
N TYR A 4 -9.14 7.62 -14.91
CA TYR A 4 -7.88 8.37 -15.06
C TYR A 4 -8.13 9.85 -15.22
N LEU A 5 -9.10 10.25 -16.06
CA LEU A 5 -9.38 11.68 -16.20
C LEU A 5 -9.93 12.26 -14.90
N GLU A 6 -10.69 11.48 -14.14
CA GLU A 6 -11.23 11.91 -12.87
C GLU A 6 -10.09 12.17 -11.88
N LEU A 7 -9.07 11.30 -11.89
CA LEU A 7 -7.90 11.52 -11.05
C LEU A 7 -7.18 12.80 -11.45
N MET A 8 -6.96 13.01 -12.76
CA MET A 8 -6.31 14.25 -13.19
C MET A 8 -7.07 15.46 -12.64
N GLN A 9 -8.38 15.45 -12.82
CA GLN A 9 -9.23 16.53 -12.33
C GLN A 9 -9.15 16.68 -10.82
N LYS A 10 -9.03 15.57 -10.09
CA LYS A 10 -8.94 15.66 -8.63
C LYS A 10 -7.64 16.32 -8.20
N VAL A 11 -6.55 15.99 -8.89
CA VAL A 11 -5.25 16.60 -8.54
C VAL A 11 -5.33 18.10 -8.81
N LEU A 12 -5.94 18.47 -9.93
CA LEU A 12 -6.08 19.88 -10.28
C LEU A 12 -6.98 20.60 -9.28
N ASP A 13 -8.08 19.99 -8.86
CA ASP A 13 -9.01 20.63 -7.95
C ASP A 13 -8.56 20.71 -6.50
N GLU A 14 -7.89 19.66 -6.02
CA GLU A 14 -7.51 19.59 -4.61
C GLU A 14 -6.03 19.61 -4.30
N GLY A 15 -5.16 19.54 -5.30
CA GLY A 15 -3.74 19.37 -5.05
C GLY A 15 -3.10 20.61 -4.44
N THR A 16 -2.02 20.37 -3.70
CA THR A 16 -1.25 21.41 -3.05
C THR A 16 -0.04 21.68 -3.94
N GLN A 17 0.25 22.95 -4.18
CA GLN A 17 1.40 23.35 -4.95
C GLN A 17 2.67 23.23 -4.11
N LYS A 18 3.58 22.38 -4.56
CA LYS A 18 4.80 22.08 -3.83
C LYS A 18 5.96 22.13 -4.82
N ASN A 19 7.11 21.59 -4.42
CA ASN A 19 8.27 21.53 -5.30
C ASN A 19 8.86 20.12 -5.24
N ASP A 20 9.14 19.51 -6.39
CA ASP A 20 9.70 18.16 -6.36
C ASP A 20 11.12 18.22 -5.85
N ARG A 21 11.80 17.06 -5.83
CA ARG A 21 13.18 16.99 -5.34
C ARG A 21 14.13 17.88 -6.11
N THR A 22 13.95 17.99 -7.42
CA THR A 22 14.79 18.82 -8.27
C THR A 22 14.30 20.26 -8.33
N GLY A 23 13.18 20.56 -7.68
CA GLY A 23 12.62 21.91 -7.66
C GLY A 23 11.42 22.01 -8.59
N THR A 24 11.49 21.32 -9.73
CA THR A 24 10.38 21.29 -10.68
C THR A 24 9.07 21.16 -9.89
N GLY A 25 8.29 22.23 -9.88
CA GLY A 25 7.07 22.23 -9.10
C GLY A 25 6.20 21.03 -9.47
N THR A 26 5.38 20.64 -8.49
CA THR A 26 4.36 19.64 -8.63
C THR A 26 3.10 20.19 -7.96
N LEU A 27 1.98 19.63 -8.35
CA LEU A 27 0.70 19.85 -7.68
C LEU A 27 0.40 18.47 -7.09
N SER A 28 0.19 18.26 -5.81
CA SER A 28 -0.01 16.88 -5.39
C SER A 28 -1.12 16.68 -4.39
N ILE A 29 -1.68 15.47 -4.44
CA ILE A 29 -2.68 15.02 -3.48
C ILE A 29 -2.08 13.79 -2.81
N PHE A 30 -2.62 13.42 -1.67
CA PHE A 30 -2.10 12.25 -0.97
C PHE A 30 -3.26 11.30 -0.67
N GLY A 31 -3.23 10.14 -1.30
CA GLY A 31 -4.27 9.14 -1.09
C GLY A 31 -5.33 9.23 -2.20
N HIS A 32 -5.46 8.15 -2.94
CA HIS A 32 -6.45 8.02 -4.00
C HIS A 32 -6.64 6.54 -4.29
N GLN A 33 -7.82 6.16 -4.76
CA GLN A 33 -8.02 4.74 -5.10
C GLN A 33 -9.00 4.67 -6.27
N MET A 34 -8.69 3.83 -7.25
CA MET A 34 -9.60 3.63 -8.38
C MET A 34 -9.49 2.16 -8.81
N ARG A 35 -10.50 1.69 -9.52
CA ARG A 35 -10.53 0.29 -9.93
C ARG A 35 -10.86 0.14 -11.40
N PHE A 36 -10.25 -0.87 -12.01
CA PHE A 36 -10.48 -1.21 -13.40
C PHE A 36 -10.93 -2.65 -13.50
N ASN A 37 -12.17 -2.88 -13.96
CA ASN A 37 -12.62 -4.27 -14.10
C ASN A 37 -12.02 -4.72 -15.44
N LEU A 38 -11.04 -5.63 -15.40
CA LEU A 38 -10.37 -6.05 -16.63
C LEU A 38 -11.23 -6.77 -17.63
N GLN A 39 -12.40 -7.27 -17.22
CA GLN A 39 -13.35 -7.85 -18.17
C GLN A 39 -14.04 -6.79 -18.99
N ASP A 40 -14.02 -5.53 -18.55
CA ASP A 40 -14.59 -4.43 -19.32
C ASP A 40 -13.72 -4.08 -20.51
N GLY A 41 -12.43 -4.35 -20.46
CA GLY A 41 -11.50 -4.04 -21.53
C GLY A 41 -10.14 -3.72 -20.93
N PHE A 42 -9.11 -3.76 -21.76
CA PHE A 42 -7.73 -3.52 -21.26
C PHE A 42 -7.55 -2.05 -21.00
N PRO A 43 -7.14 -1.67 -19.79
CA PRO A 43 -7.04 -0.29 -19.38
C PRO A 43 -5.85 0.46 -19.92
N LEU A 44 -5.86 0.70 -21.23
CA LEU A 44 -4.81 1.50 -21.87
C LEU A 44 -5.45 2.84 -22.20
N VAL A 45 -4.92 3.90 -21.62
CA VAL A 45 -5.43 5.25 -21.87
C VAL A 45 -5.69 5.48 -23.34
N THR A 46 -6.84 6.07 -23.65
CA THR A 46 -7.24 6.35 -25.01
C THR A 46 -7.25 7.84 -25.31
N THR A 47 -7.18 8.68 -24.29
CA THR A 47 -7.22 10.15 -24.56
C THR A 47 -5.91 10.71 -25.05
N LYS A 48 -4.87 9.91 -25.22
CA LYS A 48 -3.63 10.24 -25.88
C LYS A 48 -3.09 8.88 -26.37
N ARG A 49 -2.42 8.84 -27.52
CA ARG A 49 -1.87 7.59 -28.01
C ARG A 49 -0.75 7.12 -27.08
N CYS A 50 -0.90 5.92 -26.55
CA CYS A 50 0.12 5.31 -25.72
C CYS A 50 0.69 4.10 -26.48
N HIS A 51 1.99 3.90 -26.37
CA HIS A 51 2.61 2.75 -27.05
C HIS A 51 2.82 1.61 -26.07
N LEU A 52 2.04 0.54 -26.29
CA LEU A 52 2.11 -0.66 -25.47
C LEU A 52 3.41 -1.41 -25.67
N ARG A 53 4.09 -1.20 -26.79
CA ARG A 53 5.39 -1.81 -27.06
C ARG A 53 6.37 -1.66 -25.90
N SER A 54 6.59 -0.42 -25.45
CA SER A 54 7.51 -0.14 -24.37
C SER A 54 7.04 -0.74 -23.04
N ILE A 55 5.75 -0.72 -22.77
CA ILE A 55 5.19 -1.25 -21.54
C ILE A 55 5.45 -2.76 -21.47
N ILE A 56 5.19 -3.46 -22.57
CA ILE A 56 5.44 -4.89 -22.62
C ILE A 56 6.91 -5.21 -22.39
N HIS A 57 7.80 -4.52 -23.09
CA HIS A 57 9.23 -4.79 -22.94
C HIS A 57 9.66 -4.58 -21.49
N GLU A 58 9.23 -3.47 -20.89
CA GLU A 58 9.60 -3.21 -19.49
C GLU A 58 9.13 -4.34 -18.57
N LEU A 59 7.89 -4.81 -18.73
CA LEU A 59 7.38 -5.89 -17.88
C LEU A 59 8.13 -7.19 -18.07
N LEU A 60 8.47 -7.57 -19.31
CA LEU A 60 9.24 -8.79 -19.53
C LEU A 60 10.61 -8.72 -18.89
N TRP A 61 11.19 -7.52 -18.90
CA TRP A 61 12.48 -7.23 -18.30
C TRP A 61 12.41 -7.35 -16.78
N PHE A 62 11.38 -6.76 -16.17
CA PHE A 62 11.18 -6.88 -14.73
C PHE A 62 11.07 -8.36 -14.34
N LEU A 63 10.24 -9.11 -15.08
CA LEU A 63 10.04 -10.53 -14.78
C LEU A 63 11.30 -11.37 -14.93
N GLN A 64 12.26 -10.96 -15.76
CA GLN A 64 13.51 -11.71 -15.83
C GLN A 64 14.44 -11.40 -14.66
N GLY A 65 14.17 -10.32 -13.92
CA GLY A 65 14.99 -9.90 -12.81
C GLY A 65 16.14 -9.01 -13.29
N ASP A 66 16.02 -8.50 -14.51
CA ASP A 66 17.09 -7.67 -15.08
C ASP A 66 17.05 -6.26 -14.54
N THR A 67 18.21 -5.64 -14.40
CA THR A 67 18.34 -4.27 -13.92
C THR A 67 19.32 -3.48 -14.77
N ASN A 68 19.65 -4.00 -15.96
CA ASN A 68 20.55 -3.27 -16.87
C ASN A 68 19.71 -2.83 -18.06
N ILE A 69 19.90 -1.60 -18.56
CA ILE A 69 19.09 -1.13 -19.68
C ILE A 69 19.35 -1.78 -21.02
N ALA A 70 20.39 -2.59 -21.17
CA ALA A 70 20.75 -3.17 -22.46
C ALA A 70 19.60 -3.77 -23.24
N TYR A 71 18.81 -4.64 -22.60
CA TYR A 71 17.65 -5.25 -23.24
C TYR A 71 16.66 -4.20 -23.71
N LEU A 72 16.39 -3.17 -22.91
CA LEU A 72 15.47 -2.12 -23.27
C LEU A 72 16.05 -1.30 -24.42
N HIS A 73 17.30 -0.90 -24.24
CA HIS A 73 18.00 -0.12 -25.27
C HIS A 73 18.05 -0.84 -26.59
N GLU A 74 18.34 -2.13 -26.63
CA GLU A 74 18.36 -2.95 -27.81
C GLU A 74 17.00 -2.92 -28.53
N ASN A 75 15.92 -2.84 -27.77
CA ASN A 75 14.57 -2.86 -28.31
C ASN A 75 13.96 -1.48 -28.44
N ASN A 76 14.80 -0.45 -28.43
CA ASN A 76 14.40 0.94 -28.57
C ASN A 76 13.38 1.40 -27.56
N VAL A 77 13.57 0.98 -26.31
CA VAL A 77 12.78 1.43 -25.17
C VAL A 77 13.79 2.23 -24.35
N THR A 78 13.62 3.55 -24.34
CA THR A 78 14.55 4.43 -23.67
C THR A 78 14.10 5.12 -22.40
N ILE A 79 12.98 4.69 -21.83
CA ILE A 79 12.46 5.30 -20.62
C ILE A 79 13.38 5.21 -19.43
N TRP A 80 14.25 4.19 -19.33
CA TRP A 80 15.15 4.06 -18.20
C TRP A 80 16.54 4.62 -18.45
N ASP A 81 16.82 5.08 -19.67
CA ASP A 81 18.18 5.48 -20.04
C ASP A 81 18.82 6.54 -19.16
N GLU A 82 18.10 7.60 -18.82
CA GLU A 82 18.56 8.71 -18.01
C GLU A 82 18.98 8.32 -16.60
N TRP A 83 18.45 7.21 -16.09
CA TRP A 83 18.72 6.76 -14.73
C TRP A 83 19.96 5.90 -14.61
N ALA A 84 20.39 5.31 -15.72
CA ALA A 84 21.48 4.32 -15.70
C ALA A 84 22.86 4.92 -15.54
N ASP A 85 23.79 4.11 -15.03
CA ASP A 85 25.18 4.55 -14.86
C ASP A 85 25.89 4.35 -16.19
N GLU A 86 27.22 4.47 -16.23
CA GLU A 86 27.95 4.35 -17.48
C GLU A 86 27.95 2.96 -18.09
N ASN A 87 27.66 1.93 -17.30
CA ASN A 87 27.62 0.56 -17.79
C ASN A 87 26.19 0.12 -18.07
N GLY A 88 25.23 1.01 -17.92
CA GLY A 88 23.82 0.71 -18.12
C GLY A 88 23.10 0.21 -16.88
N ASP A 89 23.75 0.11 -15.73
CA ASP A 89 23.13 -0.48 -14.54
C ASP A 89 22.28 0.48 -13.73
N LEU A 90 21.21 -0.05 -13.13
CA LEU A 90 20.31 0.77 -12.31
C LEU A 90 20.43 0.45 -10.83
N GLY A 91 21.24 -0.57 -10.49
CA GLY A 91 21.24 -1.04 -9.09
C GLY A 91 20.06 -2.01 -8.97
N PRO A 92 19.79 -2.50 -7.77
CA PRO A 92 18.79 -3.53 -7.53
C PRO A 92 17.36 -3.03 -7.47
N VAL A 93 16.90 -2.42 -8.56
CA VAL A 93 15.57 -1.86 -8.67
C VAL A 93 14.56 -2.98 -8.90
N TYR A 94 13.29 -2.60 -9.07
CA TYR A 94 12.18 -3.51 -9.28
C TYR A 94 12.47 -4.97 -9.56
N GLY A 95 12.94 -5.32 -10.75
CA GLY A 95 13.17 -6.70 -11.15
C GLY A 95 13.98 -7.55 -10.19
N LYS A 96 15.05 -6.96 -9.66
CA LYS A 96 15.92 -7.67 -8.72
C LYS A 96 15.14 -8.01 -7.45
N GLN A 97 14.35 -7.06 -6.95
CA GLN A 97 13.59 -7.35 -5.72
C GLN A 97 12.46 -8.34 -5.96
N TRP A 98 11.84 -8.26 -7.13
CA TRP A 98 10.77 -9.20 -7.48
C TRP A 98 11.27 -10.65 -7.55
N ARG A 99 12.46 -10.84 -8.13
CA ARG A 99 12.96 -12.19 -8.37
C ARG A 99 13.99 -12.73 -7.39
N ALA A 100 14.65 -11.84 -6.66
CA ALA A 100 15.70 -12.30 -5.75
C ALA A 100 15.97 -11.33 -4.61
N TRP A 101 14.94 -11.17 -3.78
CA TRP A 101 15.09 -10.36 -2.56
C TRP A 101 16.04 -11.09 -1.63
N PRO A 102 17.14 -10.45 -1.26
CA PRO A 102 18.12 -11.05 -0.37
C PRO A 102 17.69 -11.01 1.10
N THR A 103 17.72 -12.16 1.75
CA THR A 103 17.41 -12.25 3.17
C THR A 103 18.68 -12.06 3.99
N PRO A 104 18.53 -11.87 5.30
CA PRO A 104 19.65 -11.69 6.20
C PRO A 104 20.57 -12.90 6.32
N ASP A 105 20.01 -14.10 6.22
CA ASP A 105 20.76 -15.33 6.34
C ASP A 105 21.38 -15.84 5.04
N GLY A 106 21.32 -15.08 3.95
CA GLY A 106 22.00 -15.47 2.72
C GLY A 106 21.13 -16.12 1.67
N ARG A 107 19.84 -16.24 1.91
CA ARG A 107 18.92 -16.81 0.93
C ARG A 107 18.41 -15.69 0.02
N HIS A 108 17.72 -16.07 -1.04
CA HIS A 108 17.11 -15.12 -1.97
C HIS A 108 15.69 -15.65 -2.21
N ILE A 109 14.72 -14.74 -2.14
CA ILE A 109 13.33 -15.14 -2.31
C ILE A 109 12.81 -14.66 -3.66
N ASP A 110 12.27 -15.59 -4.41
CA ASP A 110 11.69 -15.27 -5.73
C ASP A 110 10.21 -14.99 -5.45
N GLN A 111 9.87 -13.72 -5.27
CA GLN A 111 8.49 -13.38 -4.93
C GLN A 111 7.48 -13.71 -6.02
N ILE A 112 7.86 -13.66 -7.29
CA ILE A 112 6.91 -13.96 -8.37
C ILE A 112 6.56 -15.44 -8.34
N THR A 113 7.56 -16.30 -8.21
CA THR A 113 7.31 -17.75 -8.11
C THR A 113 6.47 -18.04 -6.87
N THR A 114 6.77 -17.37 -5.76
CA THR A 114 5.97 -17.52 -4.55
C THR A 114 4.50 -17.17 -4.74
N VAL A 115 4.21 -16.06 -5.39
CA VAL A 115 2.82 -15.66 -5.66
C VAL A 115 2.13 -16.63 -6.61
N LEU A 116 2.85 -17.15 -7.60
CA LEU A 116 2.20 -18.09 -8.54
C LEU A 116 1.85 -19.40 -7.83
N ASN A 117 2.71 -19.83 -6.91
CA ASN A 117 2.46 -21.04 -6.13
C ASN A 117 1.30 -20.78 -5.17
N GLN A 118 1.27 -19.59 -4.54
CA GLN A 118 0.15 -19.29 -3.65
C GLN A 118 -1.16 -19.23 -4.44
N LEU A 119 -1.17 -18.62 -5.63
CA LEU A 119 -2.42 -18.58 -6.39
C LEU A 119 -2.91 -19.98 -6.78
N LYS A 120 -2.00 -20.89 -7.12
CA LYS A 120 -2.41 -22.23 -7.52
C LYS A 120 -2.86 -23.08 -6.35
N ASN A 121 -2.13 -22.97 -5.23
CA ASN A 121 -2.38 -23.83 -4.08
C ASN A 121 -3.10 -23.25 -2.88
N ASP A 122 -3.17 -21.94 -2.75
CA ASP A 122 -3.85 -21.34 -1.59
C ASP A 122 -4.33 -19.96 -1.99
N PRO A 123 -5.22 -19.91 -2.98
CA PRO A 123 -5.75 -18.68 -3.54
C PRO A 123 -6.45 -17.79 -2.55
N ASP A 124 -6.95 -18.31 -1.42
CA ASP A 124 -7.59 -17.46 -0.43
C ASP A 124 -6.58 -16.91 0.58
N SER A 125 -5.30 -17.19 0.41
CA SER A 125 -4.30 -16.61 1.29
C SER A 125 -4.45 -15.09 1.33
N ARG A 126 -4.26 -14.52 2.52
CA ARG A 126 -4.34 -13.07 2.68
C ARG A 126 -2.99 -12.41 2.55
N ARG A 127 -1.97 -13.14 2.11
CA ARG A 127 -0.65 -12.54 1.96
C ARG A 127 0.00 -12.93 0.64
N ILE A 128 -0.76 -12.84 -0.44
CA ILE A 128 -0.19 -13.10 -1.78
C ILE A 128 0.35 -11.76 -2.25
N ILE A 129 1.56 -11.45 -1.79
CA ILE A 129 2.18 -10.15 -1.96
C ILE A 129 3.55 -10.13 -2.62
N VAL A 130 3.80 -9.05 -3.37
CA VAL A 130 5.12 -8.80 -3.92
C VAL A 130 5.53 -7.39 -3.45
N SER A 131 6.67 -7.29 -2.79
CA SER A 131 7.13 -5.97 -2.35
C SER A 131 8.46 -5.69 -3.03
N ALA A 132 8.56 -4.51 -3.63
CA ALA A 132 9.84 -4.05 -4.15
C ALA A 132 10.50 -3.11 -3.12
N TRP A 133 9.82 -2.84 -2.01
CA TRP A 133 10.33 -1.89 -1.02
C TRP A 133 11.30 -2.57 -0.03
N ASN A 134 12.50 -2.83 -0.54
CA ASN A 134 13.56 -3.47 0.21
C ASN A 134 14.35 -2.38 0.90
N VAL A 135 13.96 -2.08 2.14
CA VAL A 135 14.54 -0.99 2.91
C VAL A 135 16.07 -0.99 2.95
N GLY A 136 16.67 -2.18 3.02
CA GLY A 136 18.12 -2.32 3.06
C GLY A 136 18.83 -1.95 1.78
N GLU A 137 18.14 -1.95 0.64
CA GLU A 137 18.81 -1.71 -0.64
C GLU A 137 18.32 -0.48 -1.37
N LEU A 138 17.43 0.29 -0.76
CA LEU A 138 16.87 1.48 -1.41
C LEU A 138 17.93 2.46 -1.89
N ASP A 139 18.97 2.66 -1.07
CA ASP A 139 19.95 3.69 -1.44
C ASP A 139 21.01 3.18 -2.40
N LYS A 140 20.92 1.92 -2.82
CA LYS A 140 21.77 1.36 -3.85
C LYS A 140 21.08 1.47 -5.22
N MET A 141 19.78 1.75 -5.24
CA MET A 141 19.01 1.85 -6.45
C MET A 141 19.09 3.21 -7.14
N ALA A 142 18.99 3.22 -8.47
CA ALA A 142 18.98 4.49 -9.19
C ALA A 142 17.69 5.25 -8.89
N LEU A 143 16.61 4.53 -8.64
CA LEU A 143 15.32 5.07 -8.28
C LEU A 143 14.63 4.14 -7.29
N ALA A 144 14.25 4.65 -6.12
CA ALA A 144 13.50 3.82 -5.17
C ALA A 144 12.15 3.51 -5.81
N PRO A 145 11.61 2.33 -5.57
CA PRO A 145 10.38 1.89 -6.19
C PRO A 145 9.20 2.84 -6.06
N CYS A 146 8.62 3.22 -7.19
CA CYS A 146 7.43 4.09 -7.17
C CYS A 146 6.19 3.23 -7.11
N HIS A 147 6.12 2.21 -7.98
CA HIS A 147 5.03 1.22 -7.88
C HIS A 147 5.63 0.18 -6.94
N ALA A 148 5.36 0.32 -5.63
CA ALA A 148 6.20 -0.31 -4.63
C ALA A 148 5.78 -1.62 -4.01
N PHE A 149 4.50 -1.90 -3.98
CA PHE A 149 3.99 -3.04 -3.20
C PHE A 149 2.68 -3.47 -3.85
N PHE A 150 2.50 -4.77 -4.08
CA PHE A 150 1.24 -5.18 -4.71
C PHE A 150 0.75 -6.50 -4.13
N GLN A 151 -0.58 -6.66 -4.16
CA GLN A 151 -1.23 -7.84 -3.56
C GLN A 151 -2.26 -8.44 -4.50
N PHE A 152 -2.32 -9.77 -4.52
CA PHE A 152 -3.29 -10.45 -5.39
C PHE A 152 -4.43 -10.97 -4.51
N TYR A 153 -5.53 -11.32 -5.14
CA TYR A 153 -6.74 -11.73 -4.46
C TYR A 153 -7.58 -12.52 -5.47
N VAL A 154 -8.22 -13.57 -4.99
CA VAL A 154 -9.04 -14.41 -5.88
C VAL A 154 -10.44 -14.54 -5.31
N ALA A 155 -11.45 -14.30 -6.14
CA ALA A 155 -12.84 -14.53 -5.74
C ALA A 155 -13.63 -14.91 -6.98
N ASP A 156 -14.47 -15.93 -6.85
CA ASP A 156 -15.31 -16.42 -7.95
C ASP A 156 -14.54 -16.72 -9.24
N GLY A 157 -13.36 -17.32 -9.10
CA GLY A 157 -12.54 -17.72 -10.21
C GLY A 157 -11.81 -16.57 -10.90
N LYS A 158 -11.82 -15.37 -10.30
CA LYS A 158 -11.19 -14.22 -10.94
C LYS A 158 -10.02 -13.68 -10.11
N LEU A 159 -8.96 -13.32 -10.81
CA LEU A 159 -7.76 -12.78 -10.18
C LEU A 159 -7.77 -11.24 -10.15
N SER A 160 -7.63 -10.69 -8.95
CA SER A 160 -7.56 -9.24 -8.81
C SER A 160 -6.15 -8.90 -8.28
N CYS A 161 -5.78 -7.63 -8.41
CA CYS A 161 -4.48 -7.16 -7.94
C CYS A 161 -4.62 -5.71 -7.50
N GLN A 162 -4.05 -5.38 -6.35
CA GLN A 162 -4.05 -4.02 -5.84
C GLN A 162 -2.59 -3.57 -5.76
N LEU A 163 -2.31 -2.39 -6.31
CA LEU A 163 -0.97 -1.83 -6.28
C LEU A 163 -0.93 -0.60 -5.37
N TYR A 164 0.08 -0.49 -4.52
CA TYR A 164 0.27 0.72 -3.72
C TYR A 164 1.42 1.47 -4.40
N GLN A 165 1.10 2.63 -4.96
CA GLN A 165 2.10 3.41 -5.70
C GLN A 165 2.42 4.65 -4.87
N ARG A 166 3.55 4.60 -4.19
CA ARG A 166 4.00 5.66 -3.29
C ARG A 166 4.31 6.98 -3.97
N SER A 167 4.72 6.94 -5.23
CA SER A 167 4.96 8.21 -5.94
C SER A 167 4.41 8.01 -7.36
N CYS A 168 3.57 8.92 -7.83
CA CYS A 168 2.96 8.75 -9.13
C CYS A 168 3.07 10.03 -9.95
N ASP A 169 3.66 9.91 -11.12
CA ASP A 169 3.70 11.00 -12.10
C ASP A 169 2.42 10.80 -12.91
N VAL A 170 1.36 11.55 -12.61
CA VAL A 170 0.05 11.27 -13.22
C VAL A 170 0.01 11.32 -14.74
N PHE A 171 0.60 12.34 -15.35
CA PHE A 171 0.56 12.43 -16.81
C PHE A 171 1.45 11.42 -17.52
N LEU A 172 2.74 11.34 -17.15
CA LEU A 172 3.66 10.51 -17.95
C LEU A 172 3.77 9.07 -17.49
N GLY A 173 3.89 8.87 -16.18
CA GLY A 173 4.05 7.54 -15.63
C GLY A 173 2.79 6.70 -15.52
N LEU A 174 1.73 7.28 -14.96
CA LEU A 174 0.51 6.51 -14.70
C LEU A 174 -0.09 5.68 -15.79
N PRO A 175 -0.21 6.17 -17.02
CA PRO A 175 -0.76 5.39 -18.12
C PRO A 175 0.03 4.11 -18.32
N PHE A 176 1.36 4.20 -18.19
CA PHE A 176 2.24 3.05 -18.31
C PHE A 176 2.07 2.09 -17.13
N ASN A 177 2.07 2.66 -15.93
CA ASN A 177 1.95 1.83 -14.71
C ASN A 177 0.66 1.03 -14.71
N ILE A 178 -0.47 1.66 -15.08
CA ILE A 178 -1.74 0.92 -15.07
C ILE A 178 -1.67 -0.22 -16.09
N ALA A 179 -1.23 0.06 -17.30
CA ALA A 179 -1.18 -0.98 -18.34
C ALA A 179 -0.24 -2.11 -17.95
N SER A 180 0.88 -1.77 -17.34
CA SER A 180 1.85 -2.77 -16.91
C SER A 180 1.26 -3.77 -15.93
N TYR A 181 0.61 -3.30 -14.85
CA TYR A 181 0.03 -4.23 -13.89
C TYR A 181 -1.17 -4.97 -14.45
N ALA A 182 -1.94 -4.36 -15.36
CA ALA A 182 -3.08 -5.04 -15.97
C ALA A 182 -2.55 -6.17 -16.83
N LEU A 183 -1.46 -5.94 -17.56
CA LEU A 183 -0.83 -6.99 -18.36
C LEU A 183 -0.40 -8.13 -17.41
N LEU A 184 0.25 -7.76 -16.30
CA LEU A 184 0.70 -8.76 -15.34
C LEU A 184 -0.45 -9.61 -14.83
N VAL A 185 -1.59 -8.98 -14.51
CA VAL A 185 -2.74 -9.75 -14.06
C VAL A 185 -3.21 -10.77 -15.10
N HIS A 186 -3.24 -10.35 -16.36
CA HIS A 186 -3.63 -11.28 -17.43
C HIS A 186 -2.67 -12.47 -17.49
N MET A 187 -1.37 -12.19 -17.41
CA MET A 187 -0.34 -13.23 -17.49
C MET A 187 -0.45 -14.22 -16.34
N ALA A 189 -3.10 -14.72 -14.39
CA ALA A 189 -4.38 -15.43 -14.47
C ALA A 189 -4.25 -16.57 -15.46
N GLN A 190 -3.62 -16.32 -16.61
CA GLN A 190 -3.43 -17.37 -17.60
C GLN A 190 -2.63 -18.53 -17.02
N GLN A 191 -1.54 -18.22 -16.32
CA GLN A 191 -0.70 -19.26 -15.74
C GLN A 191 -1.41 -20.08 -14.66
N CYS A 192 -2.40 -19.51 -13.98
CA CYS A 192 -3.10 -20.21 -12.92
C CYS A 192 -4.48 -20.69 -13.32
N ASP A 193 -4.82 -20.64 -14.61
CA ASP A 193 -6.15 -21.00 -15.07
C ASP A 193 -7.26 -20.20 -14.38
N LEU A 194 -7.06 -18.90 -14.23
CA LEU A 194 -8.05 -18.03 -13.61
C LEU A 194 -8.53 -17.02 -14.65
N GLU A 195 -9.67 -16.39 -14.40
CA GLU A 195 -10.13 -15.31 -15.28
C GLU A 195 -9.64 -13.99 -14.67
N VAL A 196 -9.76 -12.89 -15.42
CA VAL A 196 -9.26 -11.61 -14.88
C VAL A 196 -10.35 -10.94 -14.04
N GLY A 197 -9.93 -10.36 -12.91
CA GLY A 197 -10.85 -9.62 -12.05
C GLY A 197 -10.54 -8.12 -12.19
N ASP A 198 -10.31 -7.48 -11.04
CA ASP A 198 -10.04 -6.05 -11.06
C ASP A 198 -8.56 -5.72 -10.80
N PHE A 199 -8.14 -4.61 -11.38
CA PHE A 199 -6.85 -4.00 -11.01
C PHE A 199 -7.24 -2.79 -10.15
N VAL A 200 -6.83 -2.78 -8.89
CA VAL A 200 -7.12 -1.67 -8.00
C VAL A 200 -5.85 -0.83 -7.83
N TRP A 201 -5.97 0.47 -8.15
CA TRP A 201 -4.78 1.33 -8.06
C TRP A 201 -4.93 2.29 -6.89
N THR A 202 -3.94 2.27 -6.00
CA THR A 202 -3.97 3.17 -4.84
C THR A 202 -2.73 4.05 -4.92
N GLY A 203 -2.90 5.36 -4.75
CA GLY A 203 -1.77 6.27 -4.80
C GLY A 203 -1.37 6.81 -3.44
N GLY A 204 -0.08 7.09 -3.27
CA GLY A 204 0.40 7.87 -2.12
C GLY A 204 0.56 9.30 -2.64
N ASP A 205 1.81 9.76 -2.77
CA ASP A 205 2.06 11.12 -3.27
C ASP A 205 1.80 11.10 -4.78
N THR A 206 0.64 11.62 -5.13
CA THR A 206 0.12 11.53 -6.51
C THR A 206 0.13 12.93 -7.09
N HIS A 207 0.97 13.18 -8.09
CA HIS A 207 1.19 14.52 -8.57
C HIS A 207 1.22 14.74 -10.07
N LEU A 208 0.94 15.98 -10.45
CA LEU A 208 1.09 16.48 -11.80
C LEU A 208 2.28 17.46 -11.77
N TYR A 209 3.27 17.20 -12.62
CA TYR A 209 4.42 18.10 -12.71
C TYR A 209 3.95 19.39 -13.35
N SER A 210 4.46 20.52 -12.89
CA SER A 210 4.09 21.83 -13.41
C SER A 210 4.30 22.00 -14.90
N ASN A 211 5.28 21.32 -15.49
CA ASN A 211 5.49 21.36 -16.93
C ASN A 211 4.68 20.33 -17.70
N HIS A 212 3.64 19.75 -17.10
CA HIS A 212 2.73 18.85 -17.77
C HIS A 212 1.31 19.43 -17.73
N MET A 213 1.16 20.64 -17.21
CA MET A 213 -0.16 21.23 -17.08
C MET A 213 -0.92 21.51 -18.36
N ASP A 214 -0.27 22.05 -19.39
CA ASP A 214 -0.99 22.33 -20.64
C ASP A 214 -1.32 21.01 -21.34
N GLN A 215 -0.43 20.03 -21.22
CA GLN A 215 -0.68 18.71 -21.80
C GLN A 215 -1.86 18.06 -21.10
N THR A 216 -1.93 18.17 -19.77
CA THR A 216 -3.04 17.67 -18.98
C THR A 216 -4.37 18.32 -19.35
N HIS A 217 -4.39 19.63 -19.48
CA HIS A 217 -5.65 20.30 -19.86
C HIS A 217 -6.03 19.95 -21.29
N LEU A 218 -5.06 19.76 -22.18
CA LEU A 218 -5.38 19.30 -23.53
C LEU A 218 -6.05 17.93 -23.48
N GLN A 219 -5.47 17.01 -22.72
CA GLN A 219 -6.03 15.66 -22.60
C GLN A 219 -7.43 15.66 -22.01
N LEU A 220 -7.66 16.51 -21.00
CA LEU A 220 -8.97 16.64 -20.37
C LEU A 220 -10.06 17.25 -21.24
N SER A 221 -9.73 17.78 -22.42
CA SER A 221 -10.74 18.25 -23.36
C SER A 221 -11.21 17.13 -24.28
N ARG A 222 -10.68 15.92 -24.12
CA ARG A 222 -11.03 14.81 -24.98
C ARG A 222 -11.88 13.77 -24.26
N GLU A 223 -12.76 13.11 -25.02
CA GLU A 223 -13.60 12.06 -24.50
C GLU A 223 -12.92 10.69 -24.65
N PRO A 224 -12.93 9.92 -23.57
CA PRO A 224 -12.37 8.58 -23.60
C PRO A 224 -13.10 7.76 -24.66
N ARG A 225 -12.37 6.93 -25.36
CA ARG A 225 -12.95 6.04 -26.38
C ARG A 225 -13.11 4.67 -25.71
N PRO A 226 -13.78 3.75 -26.37
CA PRO A 226 -13.96 2.40 -25.84
C PRO A 226 -12.61 1.79 -25.55
N LEU A 227 -12.54 1.04 -24.47
CA LEU A 227 -11.30 0.35 -24.08
C LEU A 227 -10.92 -0.68 -25.14
N PRO A 228 -9.63 -0.81 -25.39
CA PRO A 228 -9.11 -1.83 -26.29
C PRO A 228 -9.21 -3.20 -25.64
N LYS A 229 -8.87 -4.23 -26.40
CA LYS A 229 -8.92 -5.62 -25.91
C LYS A 229 -7.56 -6.29 -26.02
N LEU A 230 -7.23 -7.08 -24.99
CA LEU A 230 -5.93 -7.75 -24.98
C LEU A 230 -6.05 -9.22 -25.38
N ILE A 231 -5.29 -9.64 -26.39
CA ILE A 231 -5.28 -11.03 -26.81
C ILE A 231 -3.90 -11.65 -26.55
N ILE A 232 -3.82 -12.65 -25.69
CA ILE A 232 -2.55 -13.36 -25.50
C ILE A 232 -2.60 -14.61 -26.37
N LYS A 233 -1.64 -14.80 -27.25
CA LYS A 233 -1.72 -15.84 -28.26
C LYS A 233 -1.16 -17.20 -27.89
N ARG A 234 -0.46 -17.27 -26.77
CA ARG A 234 0.16 -18.54 -26.35
C ARG A 234 0.10 -18.69 -24.84
N LYS A 235 0.26 -19.90 -24.35
CA LYS A 235 0.35 -20.12 -22.90
C LYS A 235 1.70 -20.78 -22.66
N PRO A 236 2.71 -19.97 -22.34
CA PRO A 236 4.06 -20.45 -22.11
C PRO A 236 4.06 -21.38 -20.91
N GLU A 237 5.16 -22.13 -20.74
CA GLU A 237 5.31 -23.09 -19.67
C GLU A 237 5.45 -22.43 -18.31
N SER A 238 5.85 -21.16 -18.27
CA SER A 238 5.94 -20.46 -17.00
C SER A 238 5.69 -18.98 -17.25
N ILE A 239 5.47 -18.26 -16.15
CA ILE A 239 5.29 -16.81 -16.18
C ILE A 239 6.53 -16.09 -16.69
N PHE A 240 7.70 -16.73 -16.67
CA PHE A 240 8.93 -16.10 -17.12
C PHE A 240 9.30 -16.43 -18.57
N ASP A 241 8.39 -17.07 -19.29
CA ASP A 241 8.69 -17.47 -20.66
C ASP A 241 7.83 -16.77 -21.71
N TYR A 242 7.18 -15.65 -21.37
CA TYR A 242 6.42 -14.90 -22.37
C TYR A 242 7.38 -14.17 -23.31
N ARG A 243 6.95 -13.96 -24.55
CA ARG A 243 7.72 -13.18 -25.52
C ARG A 243 6.92 -11.97 -25.96
N PHE A 244 7.60 -10.98 -26.51
CA PHE A 244 6.95 -9.76 -26.97
C PHE A 244 5.79 -10.03 -27.91
N GLU A 245 6.00 -10.95 -28.85
CA GLU A 245 5.05 -11.29 -29.89
C GLU A 245 3.84 -12.08 -29.44
N ASP A 246 3.75 -12.46 -28.16
CA ASP A 246 2.60 -13.17 -27.65
C ASP A 246 1.42 -12.25 -27.34
N PHE A 247 1.68 -10.94 -27.31
CA PHE A 247 0.63 -9.99 -26.94
C PHE A 247 0.16 -9.17 -28.12
N GLU A 248 -1.16 -9.10 -28.27
CA GLU A 248 -1.75 -8.25 -29.31
C GLU A 248 -2.87 -7.40 -28.73
N ILE A 249 -2.92 -6.14 -29.11
CA ILE A 249 -3.98 -5.24 -28.64
C ILE A 249 -4.97 -4.98 -29.77
N GLU A 250 -6.26 -5.13 -29.53
CA GLU A 250 -7.26 -4.91 -30.57
C GLU A 250 -8.19 -3.77 -30.22
N GLY A 251 -8.74 -3.11 -31.22
CA GLY A 251 -9.73 -2.04 -31.00
C GLY A 251 -9.17 -0.81 -30.27
N TYR A 252 -7.90 -0.51 -30.47
CA TYR A 252 -7.28 0.64 -29.85
C TYR A 252 -7.40 1.80 -30.84
N ASP A 253 -8.22 2.79 -30.50
CA ASP A 253 -8.39 3.96 -31.39
C ASP A 253 -8.27 5.24 -30.58
N PRO A 254 -7.06 5.57 -30.16
CA PRO A 254 -6.82 6.70 -29.28
C PRO A 254 -6.82 8.04 -29.99
N HIS A 255 -6.93 9.09 -29.19
CA HIS A 255 -6.73 10.45 -29.70
C HIS A 255 -5.23 10.58 -29.93
N PRO A 256 -4.80 11.68 -30.55
CA PRO A 256 -3.41 11.89 -30.84
C PRO A 256 -2.50 11.88 -29.63
N GLY A 257 -1.27 11.43 -29.86
CA GLY A 257 -0.22 11.46 -28.84
C GLY A 257 0.03 12.90 -28.39
N ILE A 258 0.43 13.03 -27.14
CA ILE A 258 0.75 14.31 -26.52
C ILE A 258 2.13 14.17 -25.88
N LYS A 259 3.13 14.83 -26.44
CA LYS A 259 4.49 14.72 -25.91
C LYS A 259 4.67 15.58 -24.66
N ALA A 260 5.54 15.15 -23.73
CA ALA A 260 5.78 15.96 -22.53
C ALA A 260 7.17 15.70 -22.00
N PRO A 261 7.75 16.71 -21.35
CA PRO A 261 9.08 16.58 -20.79
C PRO A 261 9.08 15.77 -19.51
N VAL A 262 10.07 14.91 -19.31
CA VAL A 262 10.17 14.13 -18.08
C VAL A 262 10.79 14.98 -16.97
N LYS B 2 -18.97 7.07 10.76
CA LYS B 2 -19.66 6.92 9.47
C LYS B 2 -18.95 6.05 8.45
N GLN B 3 -17.67 6.34 8.16
CA GLN B 3 -16.94 5.58 7.16
C GLN B 3 -16.73 4.13 7.57
N TYR B 4 -16.53 3.92 8.86
CA TYR B 4 -16.32 2.57 9.41
C TYR B 4 -17.60 1.77 9.25
N LEU B 5 -18.73 2.37 9.61
CA LEU B 5 -20.02 1.67 9.48
C LEU B 5 -20.39 1.42 8.03
N GLU B 6 -20.05 2.32 7.10
CA GLU B 6 -20.27 2.09 5.69
C GLU B 6 -19.44 0.90 5.21
N LEU B 7 -18.20 0.76 5.71
CA LEU B 7 -17.38 -0.38 5.33
C LEU B 7 -17.94 -1.70 5.84
N MET B 8 -18.40 -1.71 7.10
CA MET B 8 -19.03 -2.92 7.65
C MET B 8 -20.20 -3.36 6.76
N GLN B 9 -21.07 -2.39 6.41
CA GLN B 9 -22.22 -2.66 5.59
C GLN B 9 -21.87 -3.13 4.18
N LYS B 10 -20.80 -2.59 3.63
CA LYS B 10 -20.31 -3.02 2.30
C LYS B 10 -19.83 -4.45 2.34
N VAL B 11 -19.13 -4.83 3.42
CA VAL B 11 -18.67 -6.24 3.52
C VAL B 11 -19.89 -7.16 3.59
N LEU B 12 -20.87 -6.79 4.41
CA LEU B 12 -22.10 -7.58 4.50
C LEU B 12 -22.79 -7.72 3.14
N ASP B 13 -22.97 -6.62 2.43
CA ASP B 13 -23.65 -6.60 1.15
C ASP B 13 -22.90 -7.25 0.00
N GLU B 14 -21.59 -7.03 -0.07
CA GLU B 14 -20.81 -7.41 -1.24
C GLU B 14 -19.73 -8.44 -0.98
N GLY B 15 -19.43 -8.71 0.29
CA GLY B 15 -18.37 -9.66 0.61
C GLY B 15 -18.67 -11.05 0.06
N THR B 16 -17.61 -11.77 -0.30
CA THR B 16 -17.76 -13.14 -0.80
C THR B 16 -17.35 -14.09 0.32
N GLN B 17 -18.03 -15.24 0.37
CA GLN B 17 -17.76 -16.23 1.41
C GLN B 17 -16.43 -16.94 1.19
N LYS B 18 -15.56 -16.86 2.20
CA LYS B 18 -14.24 -17.47 2.13
C LYS B 18 -13.95 -18.28 3.40
N ASN B 19 -13.08 -19.25 3.26
CA ASN B 19 -12.68 -20.15 4.33
C ASN B 19 -11.21 -19.93 4.63
N ASP B 20 -10.89 -19.34 5.78
CA ASP B 20 -9.50 -18.99 6.08
C ASP B 20 -8.73 -20.24 6.49
N ARG B 21 -7.48 -20.05 6.88
CA ARG B 21 -6.60 -21.14 7.29
C ARG B 21 -7.03 -21.86 8.56
N THR B 22 -7.87 -21.27 9.39
CA THR B 22 -8.36 -21.89 10.61
C THR B 22 -9.68 -22.61 10.41
N GLY B 23 -10.20 -22.59 9.18
CA GLY B 23 -11.50 -23.17 8.88
C GLY B 23 -12.66 -22.27 9.30
N THR B 24 -12.37 -21.06 9.78
CA THR B 24 -13.40 -20.12 10.18
C THR B 24 -13.81 -19.34 8.92
N GLY B 25 -15.11 -19.15 8.77
CA GLY B 25 -15.58 -18.43 7.59
C GLY B 25 -15.33 -16.94 7.77
N THR B 26 -15.39 -16.22 6.66
CA THR B 26 -15.30 -14.80 6.61
C THR B 26 -16.11 -14.38 5.37
N LEU B 27 -16.50 -13.11 5.37
CA LEU B 27 -17.12 -12.51 4.20
C LEU B 27 -16.00 -11.56 3.73
N SER B 28 -15.58 -11.50 2.48
CA SER B 28 -14.47 -10.54 2.30
C SER B 28 -14.57 -9.76 1.01
N ILE B 29 -13.97 -8.56 1.07
CA ILE B 29 -13.91 -7.71 -0.10
C ILE B 29 -12.41 -7.43 -0.31
N PHE B 30 -12.08 -6.89 -1.47
CA PHE B 30 -10.68 -6.57 -1.77
C PHE B 30 -10.57 -5.15 -2.30
N GLY B 31 -9.81 -4.31 -1.59
CA GLY B 31 -9.60 -2.94 -2.00
C GLY B 31 -10.68 -2.00 -1.48
N HIS B 32 -10.27 -1.15 -0.52
CA HIS B 32 -11.19 -0.16 0.04
C HIS B 32 -10.35 0.99 0.60
N GLN B 33 -10.90 2.19 0.67
CA GLN B 33 -10.10 3.29 1.22
C GLN B 33 -11.00 4.26 1.98
N MET B 34 -10.51 4.74 3.12
CA MET B 34 -11.26 5.70 3.92
C MET B 34 -10.32 6.85 4.30
N ARG B 35 -10.88 8.04 4.54
CA ARG B 35 -10.01 9.16 4.91
C ARG B 35 -10.58 9.85 6.14
N PHE B 36 -9.70 10.03 7.12
CA PHE B 36 -10.07 10.73 8.35
C PHE B 36 -9.28 12.01 8.51
N ASN B 37 -9.99 13.14 8.51
CA ASN B 37 -9.32 14.42 8.72
C ASN B 37 -9.11 14.52 10.23
N LEU B 38 -7.86 14.51 10.68
CA LEU B 38 -7.60 14.47 12.12
C LEU B 38 -7.94 15.76 12.85
N GLN B 39 -8.17 16.84 12.13
CA GLN B 39 -8.62 18.08 12.74
C GLN B 39 -10.11 18.07 13.01
N ASP B 40 -10.82 17.07 12.53
CA ASP B 40 -12.25 16.93 12.80
C ASP B 40 -12.50 16.15 14.09
N GLY B 41 -11.47 15.51 14.62
CA GLY B 41 -11.57 14.74 15.84
C GLY B 41 -10.76 13.45 15.79
N PHE B 42 -10.46 12.87 16.96
CA PHE B 42 -9.69 11.63 17.00
C PHE B 42 -10.59 10.50 16.57
N PRO B 43 -10.15 9.71 15.60
CA PRO B 43 -10.96 8.67 15.01
C PRO B 43 -11.05 7.38 15.81
N LEU B 44 -11.68 7.46 16.97
CA LEU B 44 -11.91 6.32 17.85
C LEU B 44 -13.38 5.95 17.72
N VAL B 45 -13.66 4.76 17.23
CA VAL B 45 -15.02 4.28 17.03
C VAL B 45 -15.91 4.61 18.23
N THR B 46 -17.07 5.21 17.97
CA THR B 46 -18.01 5.51 19.05
C THR B 46 -19.17 4.52 19.12
N THR B 47 -19.35 3.66 18.12
CA THR B 47 -20.46 2.72 18.14
C THR B 47 -20.25 1.48 19.00
N LYS B 48 -19.14 1.42 19.71
CA LYS B 48 -18.78 0.43 20.70
C LYS B 48 -17.64 1.08 21.50
N ARG B 49 -17.58 0.84 22.81
CA ARG B 49 -16.48 1.45 23.56
C ARG B 49 -15.18 0.74 23.21
N CYS B 50 -14.17 1.51 22.83
CA CYS B 50 -12.87 0.94 22.51
C CYS B 50 -11.93 1.32 23.65
N HIS B 51 -11.13 0.37 24.13
CA HIS B 51 -10.21 0.70 25.22
C HIS B 51 -8.88 1.14 24.61
N LEU B 52 -8.62 2.43 24.78
CA LEU B 52 -7.42 3.08 24.28
C LEU B 52 -6.16 2.63 24.99
N ARG B 53 -6.29 2.12 26.21
CA ARG B 53 -5.18 1.65 27.02
C ARG B 53 -4.33 0.63 26.30
N SER B 54 -4.94 -0.39 25.71
CA SER B 54 -4.20 -1.41 24.99
C SER B 54 -3.65 -0.84 23.68
N ILE B 55 -4.41 0.05 23.04
CA ILE B 55 -3.96 0.66 21.79
C ILE B 55 -2.66 1.42 22.03
N ILE B 56 -2.67 2.25 23.07
CA ILE B 56 -1.50 3.03 23.45
C ILE B 56 -0.30 2.18 23.83
N HIS B 57 -0.47 1.18 24.71
CA HIS B 57 0.65 0.34 25.09
C HIS B 57 1.22 -0.44 23.90
N GLU B 58 0.38 -0.94 23.00
CA GLU B 58 0.89 -1.64 21.83
C GLU B 58 1.75 -0.72 20.95
N LEU B 59 1.30 0.52 20.73
CA LEU B 59 2.06 1.45 19.90
C LEU B 59 3.39 1.83 20.51
N LEU B 60 3.42 2.11 21.80
CA LEU B 60 4.64 2.42 22.53
C LEU B 60 5.61 1.25 22.44
N TRP B 61 5.10 0.03 22.51
CA TRP B 61 5.87 -1.20 22.41
C TRP B 61 6.46 -1.40 21.01
N PHE B 62 5.66 -1.11 19.98
CA PHE B 62 6.19 -1.09 18.61
C PHE B 62 7.36 -0.13 18.48
N LEU B 63 7.19 1.10 18.99
CA LEU B 63 8.23 2.12 18.88
C LEU B 63 9.50 1.82 19.64
N GLN B 64 9.46 0.96 20.65
CA GLN B 64 10.67 0.54 21.35
C GLN B 64 11.43 -0.55 20.60
N GLY B 65 10.76 -1.20 19.64
CA GLY B 65 11.38 -2.23 18.83
C GLY B 65 11.30 -3.58 19.51
N ASP B 66 10.47 -3.67 20.54
CA ASP B 66 10.28 -4.86 21.35
C ASP B 66 9.32 -5.85 20.70
N THR B 67 9.69 -7.14 20.70
CA THR B 67 8.82 -8.15 20.09
C THR B 67 8.53 -9.24 21.13
N ASN B 68 8.90 -8.99 22.37
CA ASN B 68 8.62 -9.93 23.46
C ASN B 68 7.42 -9.33 24.18
N ILE B 69 6.43 -10.13 24.55
CA ILE B 69 5.23 -9.58 25.18
C ILE B 69 5.39 -9.20 26.64
N ALA B 70 6.56 -9.27 27.25
CA ALA B 70 6.71 -8.94 28.67
C ALA B 70 6.15 -7.58 29.01
N TYR B 71 6.54 -6.53 28.30
CA TYR B 71 6.05 -5.18 28.52
C TYR B 71 4.54 -5.13 28.43
N LEU B 72 3.94 -5.83 27.46
CA LEU B 72 2.49 -5.85 27.35
C LEU B 72 1.91 -6.55 28.58
N HIS B 73 2.58 -7.61 29.03
CA HIS B 73 2.18 -8.32 30.23
C HIS B 73 2.22 -7.50 31.50
N GLU B 74 3.30 -6.75 31.71
CA GLU B 74 3.44 -5.83 32.83
C GLU B 74 2.29 -4.82 32.91
N ASN B 75 1.66 -4.51 31.79
CA ASN B 75 0.55 -3.58 31.74
C ASN B 75 -0.80 -4.19 31.40
N ASN B 76 -0.99 -5.48 31.63
CA ASN B 76 -2.25 -6.16 31.37
C ASN B 76 -2.83 -6.00 29.98
N VAL B 77 -1.97 -6.04 28.96
CA VAL B 77 -2.41 -6.05 27.57
C VAL B 77 -2.19 -7.48 27.08
N THR B 78 -3.28 -8.14 26.74
CA THR B 78 -3.24 -9.55 26.36
C THR B 78 -3.51 -9.86 24.91
N ILE B 79 -3.68 -8.85 24.06
CA ILE B 79 -3.97 -9.10 22.64
C ILE B 79 -2.92 -9.93 21.91
N TRP B 80 -1.65 -9.95 22.31
CA TRP B 80 -0.65 -10.74 21.62
C TRP B 80 -0.32 -12.07 22.26
N ASP B 81 -0.93 -12.42 23.38
CA ASP B 81 -0.63 -13.64 24.11
C ASP B 81 -0.64 -14.95 23.35
N GLU B 82 -1.64 -15.19 22.52
CA GLU B 82 -1.77 -16.43 21.77
C GLU B 82 -0.79 -16.65 20.65
N TRP B 83 -0.03 -15.63 20.25
CA TRP B 83 0.95 -15.76 19.19
C TRP B 83 2.33 -16.00 19.77
N ALA B 84 2.51 -15.64 21.04
CA ALA B 84 3.83 -15.71 21.65
C ALA B 84 4.25 -17.15 21.95
N ASP B 85 5.55 -17.42 21.92
CA ASP B 85 6.04 -18.76 22.22
C ASP B 85 6.12 -18.89 23.74
N GLU B 86 6.74 -19.96 24.22
CA GLU B 86 6.88 -20.17 25.66
C GLU B 86 7.67 -19.09 26.36
N ASN B 87 8.61 -18.47 25.66
CA ASN B 87 9.44 -17.40 26.20
C ASN B 87 8.83 -16.01 26.07
N GLY B 88 7.66 -15.91 25.46
CA GLY B 88 6.95 -14.66 25.26
C GLY B 88 7.37 -13.99 23.96
N ASP B 89 8.11 -14.71 23.11
CA ASP B 89 8.61 -14.16 21.86
C ASP B 89 7.66 -14.31 20.68
N LEU B 90 7.69 -13.32 19.79
CA LEU B 90 6.86 -13.32 18.60
C LEU B 90 7.68 -13.41 17.31
N GLY B 91 9.00 -13.40 17.45
CA GLY B 91 9.87 -13.32 16.25
C GLY B 91 9.92 -11.83 15.86
N PRO B 92 10.53 -11.53 14.72
CA PRO B 92 10.77 -10.16 14.31
C PRO B 92 9.62 -9.44 13.66
N VAL B 93 8.49 -9.39 14.36
CA VAL B 93 7.29 -8.71 13.92
C VAL B 93 7.43 -7.21 13.98
N TYR B 94 6.36 -6.50 13.63
CA TYR B 94 6.25 -5.07 13.58
C TYR B 94 7.42 -4.27 14.16
N GLY B 95 7.49 -4.15 15.48
CA GLY B 95 8.48 -3.32 16.13
C GLY B 95 9.92 -3.56 15.66
N LYS B 96 10.32 -4.82 15.51
CA LYS B 96 11.69 -5.11 15.10
C LYS B 96 11.97 -4.52 13.71
N GLN B 97 11.00 -4.63 12.80
CA GLN B 97 11.18 -4.06 11.46
C GLN B 97 11.15 -2.53 11.50
N TRP B 98 10.32 -1.93 12.36
CA TRP B 98 10.28 -0.49 12.45
C TRP B 98 11.61 0.11 12.91
N ARG B 99 12.24 -0.52 13.91
CA ARG B 99 13.43 0.02 14.52
C ARG B 99 14.75 -0.64 14.14
N ALA B 100 14.75 -1.87 13.65
CA ALA B 100 16.01 -2.54 13.35
C ALA B 100 15.90 -3.59 12.24
N TRP B 101 15.37 -3.15 11.10
CA TRP B 101 15.25 -4.05 9.94
C TRP B 101 16.65 -4.57 9.65
N PRO B 102 16.82 -5.88 9.66
CA PRO B 102 18.13 -6.48 9.42
C PRO B 102 18.52 -6.50 7.95
N THR B 103 19.77 -6.10 7.69
CA THR B 103 20.29 -6.20 6.33
C THR B 103 21.18 -7.44 6.31
N PRO B 104 21.47 -7.95 5.13
CA PRO B 104 22.26 -9.15 4.95
C PRO B 104 23.68 -9.11 5.49
N ASP B 105 24.30 -7.94 5.58
CA ASP B 105 25.65 -7.77 6.08
C ASP B 105 25.73 -7.71 7.60
N GLY B 106 24.61 -7.88 8.29
CA GLY B 106 24.54 -7.84 9.73
C GLY B 106 24.19 -6.49 10.32
N ARG B 107 23.90 -5.49 9.50
CA ARG B 107 23.54 -4.18 10.01
C ARG B 107 22.02 -4.08 10.20
N HIS B 108 21.57 -2.99 10.80
CA HIS B 108 20.13 -2.82 11.05
C HIS B 108 19.71 -1.42 10.63
N ILE B 109 18.49 -1.27 10.13
CA ILE B 109 18.01 0.04 9.72
C ILE B 109 16.86 0.48 10.63
N ASP B 110 16.97 1.69 11.15
CA ASP B 110 15.97 2.29 12.01
C ASP B 110 15.08 3.20 11.17
N GLN B 111 13.96 2.62 10.67
CA GLN B 111 13.04 3.39 9.83
C GLN B 111 12.37 4.54 10.56
N ILE B 112 12.10 4.40 11.86
CA ILE B 112 11.46 5.53 12.57
C ILE B 112 12.40 6.72 12.66
N THR B 113 13.67 6.50 12.98
CA THR B 113 14.66 7.57 13.03
C THR B 113 14.80 8.21 11.65
N THR B 114 14.82 7.38 10.61
CA THR B 114 14.87 7.90 9.24
C THR B 114 13.67 8.79 8.96
N VAL B 115 12.45 8.35 9.24
CA VAL B 115 11.27 9.15 9.01
C VAL B 115 11.28 10.47 9.76
N LEU B 116 11.69 10.45 11.03
CA LEU B 116 11.73 11.71 11.80
C LEU B 116 12.71 12.69 11.18
N ASN B 117 13.86 12.22 10.72
CA ASN B 117 14.83 13.13 10.09
C ASN B 117 14.34 13.59 8.73
N GLN B 118 13.59 12.75 8.01
CA GLN B 118 13.03 13.15 6.72
C GLN B 118 11.97 14.21 6.98
N LEU B 119 11.11 14.04 7.99
CA LEU B 119 10.08 15.05 8.24
C LEU B 119 10.67 16.40 8.61
N LYS B 120 11.74 16.37 9.40
CA LYS B 120 12.38 17.60 9.84
C LYS B 120 13.27 18.25 8.78
N ASN B 121 13.93 17.46 7.93
CA ASN B 121 14.85 18.03 6.97
C ASN B 121 14.40 18.03 5.53
N ASP B 122 13.49 17.13 5.17
CA ASP B 122 13.02 17.05 3.78
C ASP B 122 11.54 16.68 3.72
N PRO B 123 10.69 17.53 4.29
CA PRO B 123 9.27 17.29 4.41
C PRO B 123 8.52 17.06 3.11
N ASP B 124 9.01 17.55 1.98
CA ASP B 124 8.35 17.27 0.71
C ASP B 124 8.80 15.95 0.08
N SER B 125 9.61 15.16 0.77
CA SER B 125 10.07 13.90 0.22
C SER B 125 8.86 13.04 -0.17
N ARG B 126 9.00 12.28 -1.25
CA ARG B 126 7.93 11.38 -1.67
C ARG B 126 8.19 9.96 -1.19
N ARG B 127 9.17 9.79 -0.32
CA ARG B 127 9.48 8.46 0.19
C ARG B 127 9.65 8.44 1.70
N ILE B 128 8.73 9.08 2.42
CA ILE B 128 8.77 9.04 3.90
C ILE B 128 7.96 7.82 4.30
N ILE B 129 8.63 6.67 4.27
CA ILE B 129 7.96 5.38 4.43
C ILE B 129 8.53 4.48 5.49
N VAL B 130 7.64 3.69 6.11
CA VAL B 130 8.04 2.63 7.02
C VAL B 130 7.40 1.34 6.46
N SER B 131 8.20 0.31 6.26
CA SER B 131 7.61 -0.95 5.82
C SER B 131 7.95 -2.03 6.86
N ALA B 132 6.92 -2.76 7.29
CA ALA B 132 7.12 -3.90 8.17
C ALA B 132 7.25 -5.18 7.34
N TRP B 133 7.02 -5.07 6.02
CA TRP B 133 7.01 -6.22 5.14
C TRP B 133 8.41 -6.61 4.68
N ASN B 134 9.16 -7.21 5.60
CA ASN B 134 10.50 -7.71 5.38
C ASN B 134 10.39 -9.14 4.89
N VAL B 135 10.37 -9.27 3.56
CA VAL B 135 10.15 -10.56 2.90
C VAL B 135 11.06 -11.64 3.47
N GLY B 136 12.33 -11.33 3.69
CA GLY B 136 13.30 -12.26 4.20
C GLY B 136 13.13 -12.71 5.64
N GLU B 137 12.25 -12.06 6.41
CA GLU B 137 12.00 -12.46 7.79
C GLU B 137 10.59 -12.96 8.06
N LEU B 138 9.71 -12.99 7.05
CA LEU B 138 8.34 -13.42 7.26
C LEU B 138 8.20 -14.78 7.91
N ASP B 139 9.03 -15.75 7.52
CA ASP B 139 8.98 -17.08 8.09
C ASP B 139 9.35 -17.16 9.57
N LYS B 140 10.04 -16.17 10.09
CA LYS B 140 10.42 -16.14 11.49
C LYS B 140 9.35 -15.49 12.36
N MET B 141 8.36 -14.84 11.76
CA MET B 141 7.37 -14.09 12.54
C MET B 141 6.18 -14.92 12.99
N ALA B 142 5.64 -14.62 14.17
CA ALA B 142 4.44 -15.29 14.65
C ALA B 142 3.25 -14.98 13.75
N LEU B 143 3.25 -13.76 13.22
CA LEU B 143 2.21 -13.28 12.31
C LEU B 143 2.84 -12.33 11.30
N ALA B 144 2.63 -12.55 10.01
CA ALA B 144 3.15 -11.60 9.01
C ALA B 144 2.33 -10.30 9.16
N PRO B 145 2.99 -9.16 9.00
CA PRO B 145 2.38 -7.86 9.21
C PRO B 145 1.05 -7.71 8.50
N CYS B 146 0.02 -7.32 9.26
CA CYS B 146 -1.29 -7.04 8.67
C CYS B 146 -1.36 -5.57 8.29
N HIS B 147 -0.95 -4.71 9.23
CA HIS B 147 -0.88 -3.27 8.92
C HIS B 147 0.59 -3.15 8.48
N ALA B 148 0.83 -3.26 7.17
CA ALA B 148 2.12 -3.65 6.64
C ALA B 148 3.05 -2.58 6.12
N PHE B 149 2.50 -1.46 5.69
CA PHE B 149 3.30 -0.44 5.01
C PHE B 149 2.62 0.91 5.22
N PHE B 150 3.38 1.95 5.57
CA PHE B 150 2.75 3.25 5.76
C PHE B 150 3.66 4.36 5.26
N GLN B 151 3.03 5.46 4.83
CA GLN B 151 3.73 6.58 4.24
C GLN B 151 3.24 7.90 4.83
N PHE B 152 4.15 8.82 5.05
CA PHE B 152 3.83 10.15 5.57
C PHE B 152 3.96 11.17 4.45
N TYR B 153 3.26 12.28 4.62
CA TYR B 153 3.17 13.33 3.60
C TYR B 153 2.90 14.65 4.29
N VAL B 154 3.53 15.74 3.82
CA VAL B 154 3.34 17.04 4.47
C VAL B 154 2.82 18.06 3.47
N ALA B 155 1.79 18.78 3.85
CA ALA B 155 1.27 19.86 3.00
C ALA B 155 0.68 20.94 3.91
N ASP B 156 1.05 22.18 3.62
CA ASP B 156 0.54 23.32 4.36
C ASP B 156 0.73 23.22 5.85
N GLY B 157 1.88 22.73 6.31
CA GLY B 157 2.16 22.54 7.72
C GLY B 157 1.42 21.38 8.38
N LYS B 158 0.73 20.53 7.64
CA LYS B 158 0.00 19.42 8.22
C LYS B 158 0.63 18.08 7.84
N LEU B 159 0.72 17.19 8.83
CA LEU B 159 1.24 15.84 8.60
C LEU B 159 0.13 14.84 8.34
N SER B 160 0.15 14.15 7.21
CA SER B 160 -0.79 13.07 6.94
C SER B 160 -0.05 11.72 6.90
N CYS B 161 -0.83 10.65 6.96
CA CYS B 161 -0.24 9.30 6.89
C CYS B 161 -1.22 8.39 6.16
N GLN B 162 -0.69 7.52 5.32
CA GLN B 162 -1.52 6.52 4.65
C GLN B 162 -1.00 5.15 5.06
N LEU B 163 -1.91 4.26 5.47
CA LEU B 163 -1.53 2.89 5.79
C LEU B 163 -2.05 1.91 4.73
N TYR B 164 -1.24 0.95 4.32
CA TYR B 164 -1.69 -0.13 3.47
C TYR B 164 -1.84 -1.36 4.38
N GLN B 165 -3.08 -1.80 4.59
CA GLN B 165 -3.33 -2.93 5.48
C GLN B 165 -3.75 -4.13 4.64
N ARG B 166 -2.82 -5.08 4.46
CA ARG B 166 -3.05 -6.21 3.56
C ARG B 166 -4.11 -7.20 4.02
N SER B 167 -4.33 -7.27 5.33
CA SER B 167 -5.36 -8.15 5.89
C SER B 167 -6.00 -7.38 7.05
N CYS B 168 -7.33 -7.26 6.98
CA CYS B 168 -8.05 -6.51 7.99
C CYS B 168 -9.21 -7.31 8.57
N ASP B 169 -9.20 -7.41 9.89
CA ASP B 169 -10.33 -7.98 10.64
C ASP B 169 -11.21 -6.76 10.95
N VAL B 170 -12.28 -6.57 10.20
CA VAL B 170 -13.07 -5.35 10.33
C VAL B 170 -13.65 -5.12 11.72
N PHE B 171 -14.23 -6.14 12.34
CA PHE B 171 -14.85 -5.91 13.64
C PHE B 171 -13.84 -5.69 14.76
N LEU B 172 -12.90 -6.62 14.93
CA LEU B 172 -12.00 -6.56 16.07
C LEU B 172 -10.72 -5.77 15.86
N GLY B 173 -10.09 -5.90 14.70
CA GLY B 173 -8.78 -5.26 14.50
C GLY B 173 -8.85 -3.83 14.04
N LEU B 174 -9.70 -3.54 13.05
CA LEU B 174 -9.78 -2.20 12.49
C LEU B 174 -9.92 -1.00 13.38
N PRO B 175 -10.82 -1.02 14.36
CA PRO B 175 -10.98 0.09 15.30
C PRO B 175 -9.66 0.38 16.00
N PHE B 176 -8.96 -0.68 16.40
CA PHE B 176 -7.67 -0.61 17.04
C PHE B 176 -6.64 -0.01 16.08
N ASN B 177 -6.60 -0.59 14.88
CA ASN B 177 -5.59 -0.16 13.89
C ASN B 177 -5.75 1.30 13.50
N ILE B 178 -6.97 1.78 13.29
CA ILE B 178 -7.15 3.19 12.94
C ILE B 178 -6.64 4.12 14.04
N ALA B 179 -7.00 3.83 15.28
CA ALA B 179 -6.60 4.63 16.43
C ALA B 179 -5.09 4.64 16.61
N SER B 180 -4.46 3.48 16.43
CA SER B 180 -3.02 3.35 16.57
C SER B 180 -2.27 4.29 15.65
N TYR B 181 -2.57 4.23 14.35
CA TYR B 181 -1.90 5.10 13.38
C TYR B 181 -2.28 6.57 13.55
N ALA B 182 -3.50 6.88 13.96
CA ALA B 182 -3.92 8.26 14.21
C ALA B 182 -3.08 8.82 15.37
N LEU B 183 -2.91 8.02 16.41
CA LEU B 183 -2.09 8.41 17.55
C LEU B 183 -0.66 8.71 17.12
N LEU B 184 -0.10 7.82 16.28
CA LEU B 184 1.26 7.99 15.77
C LEU B 184 1.40 9.30 15.01
N VAL B 185 0.42 9.66 14.19
CA VAL B 185 0.48 10.92 13.46
C VAL B 185 0.53 12.08 14.46
N HIS B 186 -0.29 12.04 15.51
CA HIS B 186 -0.26 13.10 16.52
C HIS B 186 1.10 13.21 17.18
N MET B 187 1.70 12.06 17.50
CA MET B 187 3.02 12.04 18.14
C MET B 187 4.10 12.57 17.21
N ALA B 189 3.66 14.50 14.57
CA ALA B 189 3.39 15.93 14.32
C ALA B 189 3.94 16.77 15.47
N GLN B 190 3.70 16.34 16.72
CA GLN B 190 4.20 17.08 17.87
C GLN B 190 5.72 17.19 17.86
N GLN B 191 6.40 16.09 17.61
CA GLN B 191 7.85 16.05 17.58
C GLN B 191 8.47 16.86 16.44
N CYS B 192 7.72 17.05 15.36
CA CYS B 192 8.24 17.79 14.22
C CYS B 192 7.62 19.15 14.06
N ASP B 193 6.90 19.63 15.08
CA ASP B 193 6.27 20.94 15.03
C ASP B 193 5.32 21.13 13.86
N LEU B 194 4.50 20.12 13.56
CA LEU B 194 3.52 20.18 12.49
C LEU B 194 2.13 20.06 13.09
N GLU B 195 1.11 20.41 12.33
CA GLU B 195 -0.27 20.17 12.71
C GLU B 195 -0.69 18.81 12.14
N VAL B 196 -1.82 18.28 12.59
CA VAL B 196 -2.28 16.99 12.05
C VAL B 196 -3.10 17.20 10.78
N GLY B 197 -2.85 16.31 9.81
CA GLY B 197 -3.56 16.32 8.55
C GLY B 197 -4.57 15.16 8.54
N ASP B 198 -4.49 14.32 7.51
CA ASP B 198 -5.38 13.19 7.37
C ASP B 198 -4.73 11.84 7.64
N PHE B 199 -5.55 10.88 8.07
CA PHE B 199 -5.14 9.49 8.17
C PHE B 199 -5.91 8.76 7.07
N VAL B 200 -5.19 8.29 6.05
CA VAL B 200 -5.81 7.58 4.94
C VAL B 200 -5.65 6.08 5.17
N TRP B 201 -6.78 5.35 5.22
CA TRP B 201 -6.70 3.92 5.46
C TRP B 201 -7.00 3.16 4.17
N THR B 202 -6.07 2.31 3.75
CA THR B 202 -6.28 1.51 2.55
C THR B 202 -6.22 0.03 2.90
N GLY B 203 -7.24 -0.69 2.47
CA GLY B 203 -7.30 -2.13 2.78
C GLY B 203 -7.13 -3.05 1.59
N GLY B 204 -6.49 -4.19 1.86
CA GLY B 204 -6.34 -5.25 0.86
C GLY B 204 -7.50 -6.22 1.15
N ASP B 205 -7.17 -7.39 1.67
CA ASP B 205 -8.20 -8.38 1.99
C ASP B 205 -8.88 -7.91 3.28
N THR B 206 -10.12 -7.44 3.15
CA THR B 206 -10.84 -6.78 4.23
C THR B 206 -12.07 -7.60 4.59
N HIS B 207 -12.08 -8.21 5.77
CA HIS B 207 -13.12 -9.20 6.06
C HIS B 207 -13.77 -9.08 7.44
N LEU B 208 -14.95 -9.66 7.51
CA LEU B 208 -15.68 -9.84 8.77
C LEU B 208 -15.69 -11.36 9.03
N TYR B 209 -15.27 -11.75 10.23
CA TYR B 209 -15.27 -13.19 10.53
C TYR B 209 -16.71 -13.64 10.75
N SER B 210 -17.03 -14.88 10.43
CA SER B 210 -18.38 -15.39 10.61
C SER B 210 -18.88 -15.31 12.05
N ASN B 211 -18.01 -15.52 13.03
CA ASN B 211 -18.38 -15.40 14.44
C ASN B 211 -18.41 -13.99 14.99
N HIS B 212 -18.42 -12.96 14.13
CA HIS B 212 -18.53 -11.58 14.53
C HIS B 212 -19.80 -10.99 13.90
N MET B 213 -20.61 -11.85 13.27
CA MET B 213 -21.81 -11.38 12.60
C MET B 213 -22.90 -10.85 13.52
N ASP B 214 -23.16 -11.50 14.66
CA ASP B 214 -24.16 -10.95 15.58
C ASP B 214 -23.69 -9.57 16.05
N GLN B 215 -22.42 -9.50 16.44
CA GLN B 215 -21.83 -8.26 16.91
C GLN B 215 -21.87 -7.16 15.86
N THR B 216 -21.63 -7.51 14.59
CA THR B 216 -21.68 -6.53 13.51
C THR B 216 -23.09 -6.00 13.32
N HIS B 217 -24.08 -6.88 13.39
CA HIS B 217 -25.48 -6.47 13.26
C HIS B 217 -25.88 -5.53 14.39
N LEU B 218 -25.44 -5.81 15.60
CA LEU B 218 -25.71 -4.95 16.74
C LEU B 218 -25.08 -3.59 16.53
N GLN B 219 -23.79 -3.59 16.16
CA GLN B 219 -23.07 -2.34 15.94
C GLN B 219 -23.70 -1.46 14.87
N LEU B 220 -24.14 -2.05 13.77
CA LEU B 220 -24.77 -1.32 12.68
C LEU B 220 -26.14 -0.75 13.04
N SER B 221 -26.75 -1.18 14.14
CA SER B 221 -28.03 -0.63 14.56
C SER B 221 -27.83 0.61 15.42
N ARG B 222 -26.59 0.99 15.69
CA ARG B 222 -26.28 2.13 16.52
C ARG B 222 -25.82 3.34 15.71
N GLU B 223 -26.17 4.52 16.18
CA GLU B 223 -25.75 5.75 15.49
C GLU B 223 -24.45 6.26 16.07
N PRO B 224 -23.54 6.68 15.20
CA PRO B 224 -22.27 7.25 15.62
C PRO B 224 -22.43 8.56 16.37
N ARG B 225 -21.48 8.89 17.24
CA ARG B 225 -21.47 10.12 18.00
C ARG B 225 -20.26 10.94 17.57
N PRO B 226 -20.32 12.24 17.77
CA PRO B 226 -19.22 13.13 17.44
C PRO B 226 -17.93 12.57 18.05
N LEU B 227 -16.85 12.67 17.28
CA LEU B 227 -15.55 12.17 17.69
C LEU B 227 -14.95 12.90 18.88
N PRO B 228 -14.17 12.18 19.67
CA PRO B 228 -13.48 12.73 20.81
C PRO B 228 -12.31 13.60 20.36
N LYS B 229 -11.62 14.16 21.34
CA LYS B 229 -10.47 15.03 21.06
C LYS B 229 -9.27 14.48 21.82
N LEU B 230 -8.18 14.26 21.10
CA LEU B 230 -6.96 13.74 21.71
C LEU B 230 -6.14 14.89 22.31
N ILE B 231 -5.67 14.67 23.53
CA ILE B 231 -4.84 15.63 24.22
C ILE B 231 -3.53 14.95 24.61
N ILE B 232 -2.42 15.58 24.23
CA ILE B 232 -1.11 15.10 24.67
C ILE B 232 -0.71 16.06 25.80
N LYS B 233 -0.57 15.51 27.00
CA LYS B 233 -0.28 16.35 28.16
C LYS B 233 1.17 16.71 28.39
N ARG B 234 2.10 16.07 27.67
CA ARG B 234 3.52 16.34 27.89
C ARG B 234 4.30 16.15 26.60
N LYS B 235 5.21 17.05 26.28
CA LYS B 235 5.97 16.85 25.03
C LYS B 235 7.34 16.29 25.40
N PRO B 236 7.54 15.01 25.17
CA PRO B 236 8.78 14.33 25.49
C PRO B 236 9.92 14.80 24.59
N GLU B 237 11.13 14.36 24.95
CA GLU B 237 12.35 14.69 24.24
C GLU B 237 12.40 14.13 22.82
N SER B 238 11.82 12.97 22.59
CA SER B 238 11.81 12.36 21.26
C SER B 238 10.55 11.54 21.06
N ILE B 239 10.39 10.97 19.86
CA ILE B 239 9.25 10.10 19.56
C ILE B 239 9.32 8.79 20.33
N PHE B 240 10.48 8.46 20.88
CA PHE B 240 10.68 7.21 21.59
C PHE B 240 10.52 7.35 23.10
N ASP B 241 10.11 8.52 23.55
CA ASP B 241 10.01 8.83 24.97
C ASP B 241 8.61 9.03 25.49
N TYR B 242 7.60 8.68 24.71
CA TYR B 242 6.22 8.83 25.19
C TYR B 242 5.94 7.77 26.27
N ARG B 243 4.97 8.10 27.11
CA ARG B 243 4.52 7.20 28.17
C ARG B 243 2.99 7.21 28.10
N PHE B 244 2.41 6.15 28.61
CA PHE B 244 0.97 5.95 28.65
C PHE B 244 0.18 7.12 29.22
N GLU B 245 0.63 7.71 30.30
CA GLU B 245 0.00 8.85 30.95
C GLU B 245 0.02 10.14 30.17
N ASP B 246 0.78 10.25 29.08
CA ASP B 246 0.82 11.45 28.26
C ASP B 246 -0.44 11.67 27.44
N PHE B 247 -1.23 10.62 27.23
CA PHE B 247 -2.42 10.74 26.41
C PHE B 247 -3.73 10.74 27.19
N GLU B 248 -4.60 11.69 26.84
CA GLU B 248 -5.94 11.77 27.37
C GLU B 248 -6.92 11.95 26.21
N ILE B 249 -8.03 11.23 26.30
CA ILE B 249 -9.11 11.38 25.32
C ILE B 249 -10.24 12.15 26.03
N GLU B 250 -10.72 13.17 25.36
CA GLU B 250 -11.76 14.02 25.96
C GLU B 250 -13.00 14.07 25.09
N GLY B 251 -14.18 13.95 25.71
CA GLY B 251 -15.44 13.97 24.98
C GLY B 251 -15.76 12.64 24.31
N TYR B 252 -15.17 11.56 24.83
CA TYR B 252 -15.45 10.23 24.26
C TYR B 252 -16.77 9.78 24.85
N ASP B 253 -17.75 9.51 24.01
CA ASP B 253 -19.11 9.14 24.47
C ASP B 253 -19.64 8.00 23.62
N PRO B 254 -19.05 6.82 23.78
CA PRO B 254 -19.40 5.65 23.00
C PRO B 254 -20.60 4.89 23.55
N HIS B 255 -21.13 4.04 22.69
CA HIS B 255 -22.14 3.06 23.07
C HIS B 255 -21.32 1.99 23.81
N PRO B 256 -22.00 1.10 24.53
CA PRO B 256 -21.34 0.08 25.31
C PRO B 256 -20.44 -0.82 24.47
N GLY B 257 -19.35 -1.25 25.09
CA GLY B 257 -18.42 -2.17 24.45
C GLY B 257 -19.16 -3.41 23.96
N ILE B 258 -18.64 -4.01 22.90
CA ILE B 258 -19.22 -5.23 22.32
C ILE B 258 -18.15 -6.33 22.29
N LYS B 259 -18.36 -7.41 23.03
CA LYS B 259 -17.42 -8.52 23.06
C LYS B 259 -17.57 -9.43 21.84
N ALA B 260 -16.43 -9.93 21.34
CA ALA B 260 -16.47 -10.86 20.21
C ALA B 260 -15.46 -11.98 20.43
N PRO B 261 -15.77 -13.16 19.93
CA PRO B 261 -14.88 -14.30 20.07
C PRO B 261 -13.57 -14.04 19.34
#